data_4KAB
#
_entry.id   4KAB
#
_cell.length_a   45.960
_cell.length_b   88.590
_cell.length_c   136.890
_cell.angle_alpha   90.00
_cell.angle_beta   90.00
_cell.angle_gamma   90.00
#
_symmetry.space_group_name_H-M   'P 21 21 21'
#
loop_
_entity.id
_entity.type
_entity.pdbx_description
1 polymer 'Focal adhesion kinase 1'
2 non-polymer 3-methyl-1,5-dihydropyrazolo[4,3-c]pyrazole
3 water water
#
_entity_poly.entity_id   1
_entity_poly.type   'polypeptide(L)'
_entity_poly.pdbx_seq_one_letter_code
;GSPSTRDYEIQRERIELGRCIGEGQFGDVHQGIYMSPENPALAVAIKTCKNCTSDSVREKFLQEALTMRQFDHPHIVKLI
GVITENPVWIIMELCTLGELRSFLQVRKYSLDLASLILYAYQLSTALAYLESKRFVHRDIAARNVLVSSNDCVKLGDFGL
SRYMEDSTYYKASKGKLPIKWMAPESINFRRFTSASDVWMFGVCMWEILMHGVKPFQGVKNNDVIGRIENGERLPMPPNC
PPTLYSLMTKCWAYDPSRRPRFTELKAQLSTILEEEKAQ
;
_entity_poly.pdbx_strand_id   A,B
#
# COMPACT_ATOMS: atom_id res chain seq x y z
N THR A 5 -1.98 -2.42 -26.37
CA THR A 5 -1.79 -1.49 -27.48
C THR A 5 -2.48 -2.00 -28.80
N ARG A 6 -1.70 -2.63 -29.71
CA ARG A 6 -2.10 -3.13 -31.02
C ARG A 6 -2.78 -4.53 -31.05
N ASP A 7 -2.49 -5.38 -30.05
CA ASP A 7 -3.09 -6.71 -29.91
C ASP A 7 -4.62 -6.64 -29.61
N TYR A 8 -5.09 -5.42 -29.26
CA TYR A 8 -6.47 -5.05 -28.98
C TYR A 8 -7.17 -4.45 -30.22
N GLU A 9 -6.54 -4.49 -31.41
CA GLU A 9 -7.16 -3.95 -32.62
C GLU A 9 -8.30 -4.84 -33.09
N ILE A 10 -9.49 -4.25 -33.25
CA ILE A 10 -10.70 -4.94 -33.69
C ILE A 10 -11.11 -4.39 -35.07
N GLN A 11 -11.43 -5.25 -36.05
CA GLN A 11 -11.85 -4.67 -37.31
C GLN A 11 -13.33 -4.27 -37.19
N ARG A 12 -13.69 -3.10 -37.73
CA ARG A 12 -15.01 -2.45 -37.65
C ARG A 12 -16.21 -3.34 -38.00
N GLU A 13 -16.09 -4.20 -39.02
CA GLU A 13 -17.18 -5.08 -39.46
C GLU A 13 -17.64 -6.07 -38.38
N ARG A 14 -16.79 -6.24 -37.35
CA ARG A 14 -17.05 -7.08 -36.17
C ARG A 14 -17.79 -6.26 -35.09
N ILE A 15 -18.23 -5.04 -35.43
CA ILE A 15 -18.96 -4.14 -34.53
C ILE A 15 -20.21 -3.58 -35.17
N GLU A 16 -21.36 -3.82 -34.51
CA GLU A 16 -22.67 -3.33 -34.88
C GLU A 16 -23.00 -2.25 -33.87
N LEU A 17 -23.14 -1.03 -34.36
CA LEU A 17 -23.49 0.11 -33.53
C LEU A 17 -24.99 0.07 -33.19
N GLY A 18 -25.31 0.39 -31.95
CA GLY A 18 -26.68 0.44 -31.44
C GLY A 18 -27.06 1.83 -31.00
N ARG A 19 -27.99 1.94 -30.05
CA ARG A 19 -28.50 3.23 -29.57
C ARG A 19 -27.51 3.97 -28.68
N CYS A 20 -27.66 5.29 -28.58
CA CYS A 20 -26.84 6.12 -27.70
C CYS A 20 -27.28 5.87 -26.27
N ILE A 21 -26.33 5.51 -25.40
CA ILE A 21 -26.57 5.19 -23.99
C ILE A 21 -25.96 6.22 -23.02
N GLY A 22 -25.61 7.39 -23.55
CA GLY A 22 -25.01 8.44 -22.74
C GLY A 22 -23.93 9.20 -23.47
N GLU A 23 -23.32 10.16 -22.78
CA GLU A 23 -22.25 10.96 -23.34
C GLU A 23 -20.99 10.89 -22.51
N GLY A 24 -19.87 11.05 -23.21
CA GLY A 24 -18.52 11.05 -22.66
C GLY A 24 -17.81 12.32 -23.06
N GLN A 25 -16.57 12.48 -22.56
CA GLN A 25 -15.73 13.66 -22.78
C GLN A 25 -15.42 13.94 -24.27
N PHE A 26 -15.31 12.88 -25.11
CA PHE A 26 -14.90 12.98 -26.51
C PHE A 26 -16.00 12.78 -27.54
N GLY A 27 -17.10 12.21 -27.09
CA GLY A 27 -18.25 11.91 -27.94
C GLY A 27 -19.26 11.02 -27.28
N ASP A 28 -20.22 10.56 -28.08
CA ASP A 28 -21.30 9.70 -27.62
C ASP A 28 -20.84 8.32 -27.31
N VAL A 29 -21.43 7.74 -26.26
CA VAL A 29 -21.23 6.35 -25.88
C VAL A 29 -22.47 5.58 -26.39
N HIS A 30 -22.20 4.49 -27.11
CA HIS A 30 -23.22 3.65 -27.72
C HIS A 30 -23.22 2.27 -27.19
N GLN A 31 -24.41 1.63 -27.18
CA GLN A 31 -24.58 0.21 -26.90
C GLN A 31 -24.29 -0.43 -28.28
N GLY A 32 -23.87 -1.68 -28.28
CA GLY A 32 -23.61 -2.34 -29.54
C GLY A 32 -23.29 -3.80 -29.34
N ILE A 33 -23.03 -4.49 -30.45
CA ILE A 33 -22.69 -5.90 -30.44
C ILE A 33 -21.30 -6.09 -31.06
N TYR A 34 -20.52 -6.99 -30.46
CA TYR A 34 -19.23 -7.42 -30.94
C TYR A 34 -19.38 -8.91 -31.34
N MET A 35 -19.24 -9.22 -32.66
CA MET A 35 -19.32 -10.57 -33.20
C MET A 35 -17.91 -11.11 -33.41
N SER A 36 -17.58 -12.28 -32.78
CA SER A 36 -16.30 -13.00 -32.85
C SER A 36 -16.37 -14.30 -32.01
N PRO A 37 -15.95 -15.47 -32.57
CA PRO A 37 -15.98 -16.71 -31.77
C PRO A 37 -14.95 -16.75 -30.63
N PRO A 40 -18.94 -15.80 -29.57
CA PRO A 40 -20.39 -15.52 -29.45
C PRO A 40 -20.70 -14.02 -29.32
N ALA A 41 -21.43 -13.47 -30.33
CA ALA A 41 -21.85 -12.05 -30.47
C ALA A 41 -22.38 -11.37 -29.17
N LEU A 42 -21.45 -10.69 -28.45
CA LEU A 42 -21.50 -10.05 -27.13
C LEU A 42 -21.99 -8.59 -27.10
N ALA A 43 -22.69 -8.18 -26.01
CA ALA A 43 -23.16 -6.79 -25.87
C ALA A 43 -22.04 -5.94 -25.31
N VAL A 44 -21.79 -4.79 -25.95
CA VAL A 44 -20.66 -3.90 -25.64
C VAL A 44 -21.05 -2.42 -25.60
N ALA A 45 -20.12 -1.59 -25.11
CA ALA A 45 -20.21 -0.13 -25.09
C ALA A 45 -19.13 0.41 -26.08
N ILE A 46 -19.55 1.25 -27.02
CA ILE A 46 -18.66 1.84 -28.02
C ILE A 46 -18.47 3.30 -27.69
N LYS A 47 -17.27 3.67 -27.25
CA LYS A 47 -16.98 5.08 -26.97
C LYS A 47 -16.54 5.73 -28.28
N THR A 48 -17.22 6.82 -28.66
CA THR A 48 -16.85 7.52 -29.89
C THR A 48 -16.07 8.76 -29.56
N CYS A 49 -15.49 9.36 -30.60
CA CYS A 49 -14.67 10.56 -30.52
C CYS A 49 -14.81 11.34 -31.82
N LYS A 50 -15.50 12.49 -31.72
CA LYS A 50 -15.86 13.37 -32.83
C LYS A 50 -14.66 14.08 -33.45
N ASN A 51 -13.74 14.57 -32.59
CA ASN A 51 -12.58 15.36 -33.03
C ASN A 51 -11.30 14.52 -33.17
N CYS A 52 -11.43 13.19 -33.26
CA CYS A 52 -10.28 12.28 -33.33
C CYS A 52 -9.50 12.29 -34.68
N THR A 53 -9.91 13.14 -35.64
CA THR A 53 -9.19 13.29 -36.91
C THR A 53 -7.87 14.05 -36.64
N SER A 54 -7.84 14.82 -35.51
CA SER A 54 -6.70 15.56 -34.96
C SER A 54 -5.99 14.60 -34.02
N ASP A 55 -4.70 14.37 -34.29
CA ASP A 55 -3.84 13.42 -33.58
C ASP A 55 -3.65 13.73 -32.08
N SER A 56 -3.77 15.01 -31.67
CA SER A 56 -3.65 15.42 -30.27
C SER A 56 -4.86 14.92 -29.45
N VAL A 57 -6.05 14.92 -30.07
CA VAL A 57 -7.30 14.44 -29.45
C VAL A 57 -7.25 12.90 -29.37
N ARG A 58 -6.91 12.24 -30.50
CA ARG A 58 -6.74 10.80 -30.70
C ARG A 58 -5.83 10.19 -29.63
N GLU A 59 -4.68 10.81 -29.38
CA GLU A 59 -3.73 10.38 -28.35
C GLU A 59 -4.38 10.43 -26.96
N LYS A 60 -5.10 11.54 -26.65
CA LYS A 60 -5.78 11.74 -25.35
C LYS A 60 -6.88 10.72 -25.17
N PHE A 61 -7.71 10.52 -26.20
CA PHE A 61 -8.82 9.58 -26.18
C PHE A 61 -8.35 8.13 -26.01
N LEU A 62 -7.36 7.70 -26.83
CA LEU A 62 -6.83 6.34 -26.75
C LEU A 62 -5.95 6.06 -25.51
N GLN A 63 -5.67 7.09 -24.69
CA GLN A 63 -4.91 6.94 -23.45
C GLN A 63 -5.74 6.14 -22.41
N GLU A 64 -7.09 6.28 -22.44
CA GLU A 64 -7.99 5.51 -21.56
C GLU A 64 -7.82 4.03 -21.89
N ALA A 65 -7.74 3.69 -23.21
CA ALA A 65 -7.55 2.32 -23.67
C ALA A 65 -6.19 1.78 -23.20
N LEU A 66 -5.13 2.61 -23.35
CA LEU A 66 -3.79 2.27 -22.90
C LEU A 66 -3.76 1.99 -21.39
N THR A 67 -4.45 2.84 -20.58
CA THR A 67 -4.58 2.71 -19.11
C THR A 67 -5.30 1.43 -18.71
N MET A 68 -6.49 1.21 -19.27
CA MET A 68 -7.33 0.08 -18.96
C MET A 68 -6.79 -1.29 -19.37
N ARG A 69 -5.93 -1.33 -20.38
CA ARG A 69 -5.27 -2.55 -20.86
C ARG A 69 -4.55 -3.22 -19.66
N GLN A 70 -3.93 -2.41 -18.78
CA GLN A 70 -3.16 -2.82 -17.61
C GLN A 70 -3.97 -3.54 -16.55
N PHE A 71 -5.30 -3.39 -16.51
CA PHE A 71 -6.07 -3.98 -15.42
C PHE A 71 -6.97 -5.15 -15.81
N ASP A 72 -7.21 -6.05 -14.85
CA ASP A 72 -8.12 -7.18 -14.92
C ASP A 72 -8.72 -7.40 -13.54
N HIS A 73 -9.93 -6.89 -13.33
CA HIS A 73 -10.61 -7.05 -12.05
C HIS A 73 -12.13 -7.08 -12.26
N PRO A 74 -12.88 -7.91 -11.50
CA PRO A 74 -14.35 -7.94 -11.65
C PRO A 74 -15.08 -6.62 -11.46
N HIS A 75 -14.49 -5.64 -10.74
CA HIS A 75 -15.20 -4.39 -10.47
C HIS A 75 -14.55 -3.20 -11.11
N ILE A 76 -13.85 -3.44 -12.21
CA ILE A 76 -13.24 -2.43 -13.06
C ILE A 76 -13.74 -2.79 -14.45
N VAL A 77 -14.29 -1.81 -15.17
CA VAL A 77 -14.85 -2.00 -16.51
C VAL A 77 -13.75 -2.57 -17.45
N LYS A 78 -14.04 -3.67 -18.14
CA LYS A 78 -13.10 -4.31 -19.05
C LYS A 78 -13.01 -3.63 -20.43
N LEU A 79 -11.77 -3.53 -20.95
CA LEU A 79 -11.49 -3.05 -22.30
C LEU A 79 -11.54 -4.28 -23.20
N ILE A 80 -12.40 -4.21 -24.22
CA ILE A 80 -12.56 -5.29 -25.19
C ILE A 80 -11.63 -5.06 -26.38
N GLY A 81 -11.55 -3.82 -26.87
CA GLY A 81 -10.65 -3.48 -27.97
C GLY A 81 -10.73 -2.05 -28.47
N VAL A 82 -9.98 -1.78 -29.54
CA VAL A 82 -9.92 -0.46 -30.18
C VAL A 82 -10.01 -0.56 -31.69
N ILE A 83 -10.47 0.54 -32.32
CA ILE A 83 -10.53 0.74 -33.76
C ILE A 83 -9.80 2.06 -33.96
N THR A 84 -8.54 1.95 -34.36
CA THR A 84 -7.61 3.06 -34.53
C THR A 84 -7.86 3.88 -35.80
N GLU A 85 -8.53 3.29 -36.81
CA GLU A 85 -8.86 4.04 -38.04
C GLU A 85 -10.05 4.97 -37.77
N ASN A 86 -10.20 6.05 -38.56
CA ASN A 86 -11.29 7.03 -38.40
C ASN A 86 -12.65 6.56 -38.96
N PRO A 87 -13.77 6.65 -38.19
CA PRO A 87 -13.92 7.15 -36.80
C PRO A 87 -13.33 6.21 -35.72
N VAL A 88 -12.45 6.78 -34.90
CA VAL A 88 -11.78 6.06 -33.81
C VAL A 88 -12.79 5.65 -32.74
N TRP A 89 -12.80 4.35 -32.37
CA TRP A 89 -13.68 3.80 -31.35
C TRP A 89 -12.94 3.02 -30.27
N ILE A 90 -13.51 3.01 -29.05
CA ILE A 90 -13.01 2.23 -27.93
C ILE A 90 -14.16 1.29 -27.56
N ILE A 91 -13.89 -0.01 -27.61
CA ILE A 91 -14.87 -1.05 -27.28
C ILE A 91 -14.66 -1.54 -25.85
N MET A 92 -15.73 -1.44 -25.05
CA MET A 92 -15.71 -1.82 -23.64
C MET A 92 -16.87 -2.68 -23.25
N GLU A 93 -16.72 -3.37 -22.12
CA GLU A 93 -17.75 -4.18 -21.47
C GLU A 93 -18.93 -3.26 -21.15
N LEU A 94 -20.13 -3.71 -21.49
CA LEU A 94 -21.35 -2.94 -21.26
C LEU A 94 -21.88 -3.15 -19.83
N CYS A 95 -22.21 -2.06 -19.13
CA CYS A 95 -22.83 -2.07 -17.80
C CYS A 95 -24.20 -1.48 -18.03
N THR A 96 -25.16 -2.37 -18.34
CA THR A 96 -26.51 -2.03 -18.79
C THR A 96 -27.29 -1.02 -17.96
N LEU A 97 -27.05 -0.98 -16.62
CA LEU A 97 -27.84 -0.10 -15.76
C LEU A 97 -27.31 1.35 -15.65
N GLY A 98 -26.23 1.65 -16.36
CA GLY A 98 -25.67 2.99 -16.44
C GLY A 98 -24.96 3.55 -15.22
N GLU A 99 -24.89 4.91 -15.17
CA GLU A 99 -24.28 5.73 -14.12
C GLU A 99 -24.83 5.36 -12.74
N LEU A 100 -23.94 5.23 -11.74
CA LEU A 100 -24.33 4.92 -10.37
C LEU A 100 -25.18 6.05 -9.73
N ARG A 101 -24.74 7.31 -9.88
CA ARG A 101 -25.44 8.48 -9.34
C ARG A 101 -26.92 8.45 -9.72
N SER A 102 -27.24 8.28 -11.01
CA SER A 102 -28.63 8.22 -11.54
C SER A 102 -29.41 7.00 -10.98
N PHE A 103 -28.78 5.83 -10.97
CA PHE A 103 -29.31 4.57 -10.45
C PHE A 103 -29.71 4.72 -8.98
N LEU A 104 -28.80 5.31 -8.14
CA LEU A 104 -29.06 5.55 -6.72
C LEU A 104 -30.23 6.49 -6.48
N GLN A 105 -30.34 7.53 -7.31
CA GLN A 105 -31.41 8.54 -7.21
C GLN A 105 -32.77 7.92 -7.51
N VAL A 106 -32.90 7.32 -8.71
CA VAL A 106 -34.10 6.65 -9.23
C VAL A 106 -34.64 5.65 -8.20
N ARG A 107 -33.75 4.86 -7.61
CA ARG A 107 -34.05 3.78 -6.70
C ARG A 107 -33.89 4.12 -5.20
N LYS A 108 -33.93 5.44 -4.84
CA LYS A 108 -33.84 5.96 -3.45
C LYS A 108 -34.71 5.19 -2.41
N TYR A 109 -35.89 4.70 -2.85
CA TYR A 109 -36.81 3.96 -1.99
C TYR A 109 -36.91 2.46 -2.36
N SER A 110 -36.09 1.99 -3.33
CA SER A 110 -36.04 0.61 -3.81
C SER A 110 -34.66 -0.08 -3.59
N LEU A 111 -33.77 0.55 -2.78
CA LEU A 111 -32.45 0.01 -2.45
C LEU A 111 -32.19 0.08 -0.94
N ASP A 112 -32.01 -1.10 -0.31
CA ASP A 112 -31.73 -1.18 1.12
C ASP A 112 -30.28 -0.78 1.46
N LEU A 113 -29.98 -0.65 2.76
CA LEU A 113 -28.67 -0.31 3.29
C LEU A 113 -27.59 -1.33 2.86
N ALA A 114 -27.94 -2.63 2.92
CA ALA A 114 -27.09 -3.75 2.57
C ALA A 114 -26.57 -3.62 1.15
N SER A 115 -27.43 -3.17 0.22
CA SER A 115 -27.04 -3.00 -1.20
C SER A 115 -26.10 -1.83 -1.36
N LEU A 116 -26.28 -0.78 -0.53
CA LEU A 116 -25.44 0.41 -0.55
C LEU A 116 -24.06 0.06 -0.02
N ILE A 117 -24.00 -0.66 1.13
CA ILE A 117 -22.74 -1.09 1.74
C ILE A 117 -22.00 -2.05 0.79
N LEU A 118 -22.75 -2.90 0.05
CA LEU A 118 -22.22 -3.81 -0.95
C LEU A 118 -21.50 -3.05 -2.06
N TYR A 119 -22.10 -1.95 -2.57
CA TYR A 119 -21.46 -1.16 -3.62
C TYR A 119 -20.17 -0.52 -3.12
N ALA A 120 -20.16 -0.06 -1.85
CA ALA A 120 -18.98 0.54 -1.21
C ALA A 120 -17.90 -0.55 -1.09
N TYR A 121 -18.31 -1.78 -0.68
CA TYR A 121 -17.39 -2.91 -0.55
C TYR A 121 -16.75 -3.22 -1.90
N GLN A 122 -17.60 -3.39 -2.93
CA GLN A 122 -17.17 -3.71 -4.28
C GLN A 122 -16.18 -2.71 -4.83
N LEU A 123 -16.42 -1.44 -4.55
CA LEU A 123 -15.55 -0.36 -4.97
C LEU A 123 -14.20 -0.43 -4.29
N SER A 124 -14.20 -0.70 -2.96
CA SER A 124 -12.98 -0.87 -2.20
C SER A 124 -12.15 -2.06 -2.74
N THR A 125 -12.80 -3.09 -3.33
CA THR A 125 -12.00 -4.19 -3.87
C THR A 125 -11.29 -3.74 -5.15
N ALA A 126 -11.95 -2.92 -5.97
CA ALA A 126 -11.35 -2.45 -7.22
C ALA A 126 -10.16 -1.50 -6.89
N LEU A 127 -10.36 -0.66 -5.86
CA LEU A 127 -9.37 0.29 -5.37
C LEU A 127 -8.21 -0.41 -4.65
N ALA A 128 -8.46 -1.52 -3.97
CA ALA A 128 -7.37 -2.29 -3.35
C ALA A 128 -6.49 -2.89 -4.44
N TYR A 129 -7.12 -3.37 -5.52
CA TYR A 129 -6.47 -3.93 -6.68
C TYR A 129 -5.59 -2.86 -7.36
N LEU A 130 -6.12 -1.65 -7.56
CA LEU A 130 -5.39 -0.54 -8.17
C LEU A 130 -4.22 -0.09 -7.31
N GLU A 131 -4.40 -0.09 -5.97
CA GLU A 131 -3.36 0.25 -5.02
C GLU A 131 -2.20 -0.79 -5.11
N SER A 132 -2.55 -2.07 -5.32
CA SER A 132 -1.61 -3.19 -5.45
C SER A 132 -0.77 -3.05 -6.72
N LYS A 133 -1.33 -2.39 -7.77
CA LYS A 133 -0.67 -2.10 -9.04
C LYS A 133 0.01 -0.72 -8.97
N ARG A 134 -0.05 -0.06 -7.77
CA ARG A 134 0.49 1.27 -7.46
C ARG A 134 -0.04 2.33 -8.39
N PHE A 135 -1.30 2.20 -8.74
CA PHE A 135 -1.98 3.11 -9.63
C PHE A 135 -2.88 4.06 -8.84
N VAL A 136 -2.73 5.36 -9.10
CA VAL A 136 -3.49 6.45 -8.48
C VAL A 136 -4.57 6.88 -9.47
N HIS A 137 -5.85 6.76 -9.07
CA HIS A 137 -7.01 7.05 -9.92
C HIS A 137 -7.23 8.55 -10.15
N ARG A 138 -7.11 9.39 -9.10
CA ARG A 138 -7.26 10.86 -9.12
C ARG A 138 -8.72 11.36 -9.21
N ASP A 139 -9.72 10.47 -9.47
CA ASP A 139 -11.12 10.90 -9.63
C ASP A 139 -12.14 9.87 -9.14
N ILE A 140 -12.02 9.43 -7.89
CA ILE A 140 -12.99 8.49 -7.30
C ILE A 140 -14.21 9.30 -6.87
N ALA A 141 -15.34 9.06 -7.54
CA ALA A 141 -16.64 9.73 -7.36
C ALA A 141 -17.73 8.80 -7.89
N ALA A 142 -18.95 8.91 -7.35
CA ALA A 142 -20.10 8.09 -7.78
C ALA A 142 -20.40 8.24 -9.29
N ARG A 143 -20.18 9.43 -9.89
CA ARG A 143 -20.41 9.61 -11.34
C ARG A 143 -19.51 8.70 -12.20
N ASN A 144 -18.30 8.31 -11.70
CA ASN A 144 -17.37 7.44 -12.43
C ASN A 144 -17.55 5.94 -12.15
N VAL A 145 -18.67 5.58 -11.50
CA VAL A 145 -19.01 4.19 -11.20
C VAL A 145 -20.22 3.82 -12.05
N LEU A 146 -20.16 2.63 -12.66
CA LEU A 146 -21.21 2.08 -13.53
C LEU A 146 -21.88 0.86 -12.88
N VAL A 147 -23.13 0.59 -13.27
CA VAL A 147 -23.89 -0.53 -12.71
C VAL A 147 -24.08 -1.65 -13.78
N SER A 148 -23.46 -2.82 -13.53
CA SER A 148 -23.59 -3.99 -14.42
C SER A 148 -24.95 -4.71 -14.16
N SER A 149 -25.26 -4.93 -12.86
CA SER A 149 -26.48 -5.52 -12.30
C SER A 149 -26.80 -4.83 -10.94
N ASN A 150 -27.97 -5.10 -10.35
CA ASN A 150 -28.38 -4.50 -9.05
C ASN A 150 -27.49 -4.92 -7.85
N ASP A 151 -26.54 -5.87 -8.05
CA ASP A 151 -25.58 -6.26 -7.02
C ASP A 151 -24.17 -6.36 -7.60
N CYS A 152 -23.89 -5.52 -8.58
CA CYS A 152 -22.58 -5.47 -9.23
C CYS A 152 -22.36 -4.12 -9.85
N VAL A 153 -21.44 -3.37 -9.27
CA VAL A 153 -21.00 -2.07 -9.76
C VAL A 153 -19.55 -2.22 -10.27
N LYS A 154 -19.13 -1.32 -11.15
CA LYS A 154 -17.80 -1.31 -11.72
C LYS A 154 -17.22 0.11 -11.79
N LEU A 155 -15.92 0.21 -11.64
CA LEU A 155 -15.23 1.48 -11.69
C LEU A 155 -14.98 1.72 -13.15
N GLY A 156 -15.48 2.83 -13.67
CA GLY A 156 -15.41 3.04 -15.10
C GLY A 156 -14.56 4.10 -15.77
N ASP A 157 -14.03 5.10 -15.01
CA ASP A 157 -13.32 6.18 -15.70
C ASP A 157 -11.81 6.19 -15.56
N PHE A 158 -11.10 6.16 -16.69
CA PHE A 158 -9.63 6.17 -16.73
C PHE A 158 -9.10 7.08 -17.84
N LEU A 177 -12.84 20.69 -12.52
CA LEU A 177 -12.03 20.16 -11.41
C LEU A 177 -12.90 19.75 -10.19
N PRO A 178 -12.82 18.48 -9.73
CA PRO A 178 -13.70 18.03 -8.63
C PRO A 178 -13.22 18.41 -7.24
N ILE A 179 -13.24 19.72 -6.95
CA ILE A 179 -12.80 20.28 -5.67
C ILE A 179 -13.51 19.67 -4.46
N LYS A 180 -14.83 19.42 -4.57
CA LYS A 180 -15.65 18.86 -3.48
C LYS A 180 -15.34 17.39 -3.13
N TRP A 181 -14.57 16.69 -3.97
CA TRP A 181 -14.15 15.28 -3.76
C TRP A 181 -12.65 15.19 -3.40
N MET A 182 -11.89 16.26 -3.67
CA MET A 182 -10.45 16.27 -3.49
C MET A 182 -9.94 16.39 -2.06
N ALA A 183 -8.83 15.69 -1.79
CA ALA A 183 -8.14 15.73 -0.49
C ALA A 183 -7.51 17.14 -0.39
N PRO A 184 -7.38 17.76 0.80
CA PRO A 184 -6.78 19.12 0.86
C PRO A 184 -5.43 19.30 0.14
N GLU A 185 -4.56 18.28 0.16
CA GLU A 185 -3.24 18.35 -0.48
C GLU A 185 -3.34 18.38 -2.00
N SER A 186 -4.38 17.74 -2.55
CA SER A 186 -4.64 17.77 -4.00
C SER A 186 -5.13 19.19 -4.39
N ILE A 187 -5.95 19.83 -3.52
CA ILE A 187 -6.47 21.17 -3.75
C ILE A 187 -5.34 22.19 -3.65
N ASN A 188 -4.65 22.21 -2.49
CA ASN A 188 -3.56 23.13 -2.19
C ASN A 188 -2.30 22.99 -3.04
N PHE A 189 -1.91 21.75 -3.40
CA PHE A 189 -0.64 21.52 -4.07
C PHE A 189 -0.67 20.64 -5.30
N ARG A 190 -1.87 20.22 -5.73
CA ARG A 190 -2.07 19.30 -6.84
C ARG A 190 -1.33 17.96 -6.64
N ARG A 191 -1.15 17.53 -5.35
CA ARG A 191 -0.54 16.25 -5.00
C ARG A 191 -1.59 15.16 -5.04
N PHE A 192 -1.35 14.09 -5.83
CA PHE A 192 -2.23 12.95 -5.93
C PHE A 192 -1.45 11.69 -5.54
N THR A 193 -1.92 11.02 -4.49
CA THR A 193 -1.29 9.81 -3.95
C THR A 193 -2.37 8.77 -3.67
N SER A 194 -1.95 7.59 -3.19
CA SER A 194 -2.89 6.58 -2.74
C SER A 194 -3.73 7.15 -1.57
N ALA A 195 -3.14 8.03 -0.74
CA ALA A 195 -3.82 8.67 0.41
C ALA A 195 -4.91 9.59 -0.02
N SER A 196 -4.69 10.33 -1.12
CA SER A 196 -5.69 11.24 -1.68
C SER A 196 -6.84 10.46 -2.33
N ASP A 197 -6.54 9.26 -2.88
CA ASP A 197 -7.56 8.36 -3.44
C ASP A 197 -8.49 7.87 -2.32
N VAL A 198 -7.92 7.56 -1.13
CA VAL A 198 -8.68 7.14 0.06
C VAL A 198 -9.67 8.25 0.50
N TRP A 199 -9.21 9.53 0.48
CA TRP A 199 -10.06 10.67 0.81
C TRP A 199 -11.26 10.67 -0.15
N MET A 200 -11.00 10.58 -1.46
CA MET A 200 -12.04 10.60 -2.50
C MET A 200 -13.03 9.45 -2.35
N PHE A 201 -12.53 8.25 -1.98
CA PHE A 201 -13.39 7.10 -1.75
C PHE A 201 -14.34 7.35 -0.60
N GLY A 202 -13.86 8.01 0.46
CA GLY A 202 -14.69 8.40 1.60
C GLY A 202 -15.86 9.24 1.15
N VAL A 203 -15.60 10.20 0.24
CA VAL A 203 -16.61 11.11 -0.32
C VAL A 203 -17.58 10.28 -1.17
N CYS A 204 -17.04 9.36 -1.99
CA CYS A 204 -17.83 8.46 -2.84
C CYS A 204 -18.76 7.59 -2.00
N MET A 205 -18.27 7.07 -0.86
CA MET A 205 -19.04 6.28 0.09
C MET A 205 -20.17 7.10 0.64
N TRP A 206 -19.91 8.38 0.95
CA TRP A 206 -20.92 9.33 1.45
C TRP A 206 -22.02 9.54 0.38
N GLU A 207 -21.61 9.77 -0.90
CA GLU A 207 -22.54 9.91 -2.06
C GLU A 207 -23.48 8.69 -2.19
N ILE A 208 -22.94 7.47 -1.98
CA ILE A 208 -23.71 6.23 -2.05
C ILE A 208 -24.79 6.18 -0.95
N LEU A 209 -24.41 6.43 0.30
CA LEU A 209 -25.36 6.37 1.41
C LEU A 209 -26.36 7.56 1.42
N MET A 210 -26.02 8.64 0.68
CA MET A 210 -26.84 9.82 0.50
C MET A 210 -27.69 9.72 -0.79
N HIS A 211 -27.77 8.51 -1.38
CA HIS A 211 -28.56 8.20 -2.58
C HIS A 211 -28.27 9.09 -3.80
N GLY A 212 -26.98 9.25 -4.11
CA GLY A 212 -26.53 10.04 -5.26
C GLY A 212 -26.58 11.56 -5.11
N VAL A 213 -26.68 12.07 -3.88
CA VAL A 213 -26.67 13.52 -3.64
C VAL A 213 -25.20 13.98 -3.70
N LYS A 214 -24.95 15.10 -4.38
CA LYS A 214 -23.60 15.63 -4.52
C LYS A 214 -23.11 16.26 -3.22
N PRO A 215 -21.79 16.06 -2.89
CA PRO A 215 -21.24 16.64 -1.67
C PRO A 215 -21.10 18.17 -1.75
N PHE A 216 -21.28 18.87 -0.62
CA PHE A 216 -21.16 20.32 -0.49
C PHE A 216 -22.08 21.08 -1.43
N GLN A 217 -23.30 20.56 -1.62
CA GLN A 217 -24.26 21.23 -2.50
C GLN A 217 -24.62 22.59 -1.87
N GLY A 218 -24.44 23.63 -2.67
CA GLY A 218 -24.66 25.02 -2.28
C GLY A 218 -23.41 25.82 -1.97
N VAL A 219 -22.28 25.12 -1.75
CA VAL A 219 -20.98 25.71 -1.41
C VAL A 219 -20.19 25.95 -2.70
N LYS A 220 -19.52 27.10 -2.79
CA LYS A 220 -18.67 27.41 -3.95
C LYS A 220 -17.37 26.63 -3.78
N ASN A 221 -16.83 26.15 -4.91
CA ASN A 221 -15.60 25.36 -4.95
C ASN A 221 -14.42 26.01 -4.18
N ASN A 222 -14.23 27.32 -4.33
CA ASN A 222 -13.15 28.09 -3.70
C ASN A 222 -13.23 28.14 -2.17
N ASP A 223 -14.44 27.96 -1.58
CA ASP A 223 -14.70 27.99 -0.14
C ASP A 223 -14.58 26.61 0.54
N VAL A 224 -14.41 25.54 -0.26
CA VAL A 224 -14.35 24.18 0.24
C VAL A 224 -13.14 23.98 1.12
N ILE A 225 -11.94 24.33 0.59
CA ILE A 225 -10.65 24.19 1.28
C ILE A 225 -10.67 24.82 2.68
N GLY A 226 -11.28 26.01 2.79
CA GLY A 226 -11.38 26.73 4.05
C GLY A 226 -12.21 25.98 5.07
N ARG A 227 -13.27 25.29 4.59
CA ARG A 227 -14.17 24.52 5.44
C ARG A 227 -13.43 23.29 5.96
N ILE A 228 -12.78 22.55 5.03
CA ILE A 228 -11.97 21.40 5.37
C ILE A 228 -10.95 21.80 6.43
N GLU A 229 -10.17 22.85 6.17
CA GLU A 229 -9.11 23.31 7.07
C GLU A 229 -9.62 23.78 8.45
N ASN A 230 -10.93 24.06 8.60
CA ASN A 230 -11.53 24.44 9.88
C ASN A 230 -12.09 23.19 10.60
N GLY A 231 -11.72 22.02 10.08
CA GLY A 231 -12.09 20.70 10.59
C GLY A 231 -13.46 20.21 10.16
N GLU A 232 -14.14 20.98 9.30
CA GLU A 232 -15.50 20.67 8.84
C GLU A 232 -15.49 19.49 7.88
N ARG A 233 -16.43 18.55 8.09
CA ARG A 233 -16.59 17.35 7.28
C ARG A 233 -18.03 17.13 6.85
N LEU A 234 -18.23 16.25 5.86
CA LEU A 234 -19.57 15.90 5.38
C LEU A 234 -20.33 15.22 6.55
N PRO A 235 -21.59 15.60 6.82
CA PRO A 235 -22.31 15.03 7.97
C PRO A 235 -22.65 13.54 7.81
N MET A 236 -23.03 12.89 8.93
CA MET A 236 -23.43 11.48 8.91
C MET A 236 -24.71 11.35 8.07
N PRO A 237 -24.70 10.58 6.96
CA PRO A 237 -25.93 10.42 6.16
C PRO A 237 -27.04 9.77 6.99
N PRO A 238 -28.33 10.14 6.81
CA PRO A 238 -29.39 9.47 7.57
C PRO A 238 -29.42 7.96 7.26
N ASN A 239 -29.65 7.12 8.30
CA ASN A 239 -29.68 5.64 8.19
C ASN A 239 -28.27 5.02 7.91
N CYS A 240 -27.22 5.82 8.09
CA CYS A 240 -25.88 5.28 7.92
C CYS A 240 -25.46 4.70 9.26
N PRO A 241 -24.91 3.47 9.27
CA PRO A 241 -24.39 2.89 10.51
C PRO A 241 -23.23 3.74 11.04
N PRO A 242 -23.22 4.09 12.37
CA PRO A 242 -22.12 4.93 12.88
C PRO A 242 -20.72 4.34 12.67
N THR A 243 -20.62 2.99 12.53
CA THR A 243 -19.35 2.31 12.27
C THR A 243 -18.86 2.63 10.86
N LEU A 244 -19.79 2.77 9.90
CA LEU A 244 -19.50 3.11 8.51
C LEU A 244 -19.07 4.56 8.41
N TYR A 245 -19.73 5.44 9.18
CA TYR A 245 -19.38 6.85 9.22
C TYR A 245 -18.00 7.05 9.87
N SER A 246 -17.69 6.26 10.89
CA SER A 246 -16.40 6.30 11.58
C SER A 246 -15.28 5.97 10.58
N LEU A 247 -15.56 5.02 9.65
CA LEU A 247 -14.66 4.61 8.58
C LEU A 247 -14.44 5.77 7.58
N MET A 248 -15.50 6.52 7.25
CA MET A 248 -15.43 7.66 6.35
C MET A 248 -14.57 8.77 6.97
N THR A 249 -14.78 9.08 8.29
CA THR A 249 -14.04 10.16 8.95
C THR A 249 -12.56 9.80 9.02
N LYS A 250 -12.24 8.49 9.08
CA LYS A 250 -10.86 8.02 9.04
C LYS A 250 -10.22 8.38 7.68
N CYS A 251 -11.01 8.29 6.56
CA CYS A 251 -10.60 8.65 5.20
C CYS A 251 -10.32 10.11 5.09
N TRP A 252 -10.92 10.91 5.98
CA TRP A 252 -10.87 12.36 5.96
C TRP A 252 -9.93 12.96 7.02
N ALA A 253 -8.90 12.21 7.40
CA ALA A 253 -7.82 12.69 8.27
C ALA A 253 -7.08 13.76 7.44
N TYR A 254 -6.90 14.96 8.02
CA TYR A 254 -6.19 16.01 7.29
C TYR A 254 -4.77 15.52 6.84
N ASP A 255 -4.03 14.86 7.78
CA ASP A 255 -2.72 14.30 7.55
C ASP A 255 -2.90 13.05 6.67
N PRO A 256 -2.34 13.04 5.44
CA PRO A 256 -2.51 11.86 4.57
C PRO A 256 -1.97 10.57 5.17
N SER A 257 -0.90 10.66 5.99
CA SER A 257 -0.28 9.47 6.63
C SER A 257 -1.15 8.83 7.71
N ARG A 258 -2.21 9.53 8.12
CA ARG A 258 -3.13 9.01 9.12
C ARG A 258 -4.32 8.31 8.47
N ARG A 259 -4.48 8.43 7.15
CA ARG A 259 -5.57 7.76 6.45
C ARG A 259 -5.32 6.23 6.30
N PRO A 260 -6.34 5.36 6.39
CA PRO A 260 -6.08 3.92 6.18
C PRO A 260 -5.80 3.61 4.72
N ARG A 261 -5.37 2.39 4.44
CA ARG A 261 -5.15 1.94 3.07
C ARG A 261 -6.36 1.08 2.66
N PHE A 262 -6.51 0.88 1.36
CA PHE A 262 -7.64 0.10 0.85
C PHE A 262 -7.77 -1.31 1.40
N THR A 263 -6.66 -1.92 1.79
CA THR A 263 -6.66 -3.29 2.29
C THR A 263 -7.48 -3.41 3.58
N GLU A 264 -7.39 -2.40 4.46
CA GLU A 264 -8.03 -2.23 5.74
C GLU A 264 -9.49 -1.82 5.51
N LEU A 265 -9.73 -0.92 4.54
CA LEU A 265 -11.07 -0.47 4.16
C LEU A 265 -11.91 -1.64 3.67
N LYS A 266 -11.37 -2.43 2.72
CA LYS A 266 -12.01 -3.63 2.17
C LYS A 266 -12.45 -4.57 3.30
N ALA A 267 -11.52 -4.87 4.24
CA ALA A 267 -11.72 -5.75 5.38
C ALA A 267 -12.80 -5.26 6.34
N GLN A 268 -12.82 -3.94 6.64
CA GLN A 268 -13.80 -3.33 7.55
C GLN A 268 -15.19 -3.26 6.94
N LEU A 269 -15.28 -2.89 5.62
CA LEU A 269 -16.54 -2.83 4.85
C LEU A 269 -17.15 -4.23 4.75
N SER A 270 -16.29 -5.23 4.61
CA SER A 270 -16.67 -6.64 4.58
C SER A 270 -17.41 -7.01 5.87
N THR A 271 -16.85 -6.63 7.05
CA THR A 271 -17.47 -6.93 8.34
C THR A 271 -18.74 -6.12 8.56
N ILE A 272 -18.75 -4.82 8.10
CA ILE A 272 -19.92 -3.92 8.21
C ILE A 272 -21.12 -4.51 7.45
N LEU A 273 -20.84 -5.07 6.25
CA LEU A 273 -21.82 -5.69 5.36
C LEU A 273 -22.48 -6.90 5.97
N GLU A 274 -21.71 -7.68 6.71
CA GLU A 274 -22.24 -8.87 7.38
C GLU A 274 -23.08 -8.43 8.59
N GLU A 275 -22.62 -7.37 9.31
CA GLU A 275 -23.28 -6.75 10.46
C GLU A 275 -24.69 -6.23 10.05
N GLU A 276 -24.90 -5.96 8.74
CA GLU A 276 -26.16 -5.51 8.16
C GLU A 276 -26.98 -6.67 7.57
N LYS A 277 -26.34 -7.58 6.80
CA LYS A 277 -26.98 -8.77 6.20
C LYS A 277 -27.64 -9.72 7.24
N ALA A 278 -27.31 -9.56 8.53
CA ALA A 278 -27.84 -10.36 9.63
C ALA A 278 -28.96 -9.63 10.37
N GLN A 279 -28.77 -8.30 10.61
CA GLN A 279 -29.75 -7.44 11.29
C GLN A 279 -29.81 -6.03 10.63
N ASP B 7 2.36 5.94 30.41
CA ASP B 7 3.75 6.42 30.53
C ASP B 7 4.79 5.28 30.50
N TYR B 8 5.75 5.43 29.56
CA TYR B 8 6.81 4.47 29.33
C TYR B 8 8.01 4.63 30.28
N GLU B 9 7.93 5.55 31.26
CA GLU B 9 9.03 5.75 32.21
C GLU B 9 9.14 4.59 33.19
N ILE B 10 10.32 3.98 33.24
CA ILE B 10 10.62 2.83 34.10
C ILE B 10 11.63 3.23 35.18
N GLN B 11 11.47 2.66 36.40
CA GLN B 11 12.36 2.90 37.53
C GLN B 11 13.60 2.06 37.36
N ARG B 12 14.78 2.69 37.45
CA ARG B 12 16.04 1.97 37.29
C ARG B 12 16.16 0.73 38.18
N GLU B 13 15.65 0.78 39.43
CA GLU B 13 15.74 -0.32 40.39
C GLU B 13 14.95 -1.59 39.94
N ARG B 14 13.99 -1.46 39.01
CA ARG B 14 13.28 -2.60 38.43
C ARG B 14 14.15 -3.28 37.35
N ILE B 15 15.29 -2.65 36.96
CA ILE B 15 16.19 -3.13 35.92
C ILE B 15 17.50 -3.63 36.48
N GLU B 16 17.82 -4.89 36.20
CA GLU B 16 19.07 -5.57 36.55
C GLU B 16 19.84 -5.68 35.25
N LEU B 17 20.97 -5.00 35.18
CA LEU B 17 21.82 -5.02 34.01
C LEU B 17 22.59 -6.35 33.97
N GLY B 18 22.66 -6.93 32.78
CA GLY B 18 23.36 -8.18 32.54
C GLY B 18 24.53 -7.98 31.61
N ARG B 19 24.89 -9.05 30.88
CA ARG B 19 26.03 -9.03 29.99
C ARG B 19 25.82 -8.20 28.72
N CYS B 20 26.93 -7.74 28.13
CA CYS B 20 26.88 -7.00 26.87
C CYS B 20 26.57 -7.99 25.76
N ILE B 21 25.52 -7.72 24.98
CA ILE B 21 25.03 -8.58 23.89
C ILE B 21 25.24 -7.96 22.51
N GLY B 22 26.10 -6.95 22.44
CA GLY B 22 26.40 -6.27 21.19
C GLY B 22 26.59 -4.79 21.36
N GLU B 23 26.81 -4.11 20.23
CA GLU B 23 26.97 -2.66 20.23
C GLU B 23 25.99 -1.99 19.29
N GLY B 24 25.65 -0.76 19.66
CA GLY B 24 24.76 0.13 18.90
C GLY B 24 25.48 1.43 18.61
N GLN B 25 24.82 2.32 17.85
CA GLN B 25 25.35 3.61 17.47
C GLN B 25 25.73 4.54 18.64
N PHE B 26 25.02 4.44 19.78
CA PHE B 26 25.16 5.34 20.92
C PHE B 26 25.88 4.75 22.11
N GLY B 27 25.98 3.42 22.14
CA GLY B 27 26.59 2.68 23.25
C GLY B 27 26.29 1.20 23.20
N ASP B 28 26.67 0.52 24.28
CA ASP B 28 26.48 -0.91 24.40
C ASP B 28 25.05 -1.33 24.61
N VAL B 29 24.68 -2.45 24.00
CA VAL B 29 23.38 -3.07 24.18
C VAL B 29 23.61 -4.25 25.17
N HIS B 30 22.73 -4.39 26.16
CA HIS B 30 22.90 -5.43 27.17
C HIS B 30 21.65 -6.24 27.27
N GLN B 31 21.77 -7.46 27.78
CA GLN B 31 20.59 -8.20 28.15
C GLN B 31 20.41 -7.88 29.64
N GLY B 32 19.24 -8.14 30.17
CA GLY B 32 18.94 -7.83 31.54
C GLY B 32 17.57 -8.30 31.92
N ILE B 33 17.18 -8.05 33.17
CA ILE B 33 15.89 -8.44 33.71
C ILE B 33 15.11 -7.20 34.12
N TYR B 34 13.79 -7.22 33.87
CA TYR B 34 12.83 -6.20 34.27
C TYR B 34 11.88 -6.88 35.25
N MET B 35 11.91 -6.41 36.50
CA MET B 35 11.12 -6.92 37.63
C MET B 35 9.86 -6.07 37.89
N SER B 36 8.78 -6.31 37.11
CA SER B 36 7.47 -5.62 37.23
C SER B 36 6.41 -6.58 37.82
N PRO B 37 5.30 -6.09 38.45
CA PRO B 37 4.28 -7.03 39.03
C PRO B 37 3.69 -8.05 38.06
N GLU B 38 3.59 -7.68 36.76
CA GLU B 38 3.06 -8.51 35.67
C GLU B 38 4.17 -9.45 35.16
N PRO B 40 6.15 -11.37 36.97
CA PRO B 40 7.47 -11.26 37.59
C PRO B 40 8.59 -10.94 36.57
N ALA B 41 9.84 -11.38 36.89
CA ALA B 41 11.12 -11.20 36.17
C ALA B 41 11.12 -11.55 34.65
N LEU B 42 11.04 -10.51 33.79
CA LEU B 42 11.08 -10.64 32.33
C LEU B 42 12.50 -10.34 31.76
N ALA B 43 12.94 -11.10 30.73
CA ALA B 43 14.24 -10.88 30.10
C ALA B 43 14.09 -9.75 29.08
N VAL B 44 15.01 -8.76 29.11
CA VAL B 44 14.97 -7.57 28.28
C VAL B 44 16.32 -7.20 27.66
N ALA B 45 16.29 -6.24 26.70
CA ALA B 45 17.48 -5.64 26.06
C ALA B 45 17.54 -4.17 26.48
N ILE B 46 18.67 -3.76 27.04
CA ILE B 46 18.89 -2.40 27.52
C ILE B 46 19.83 -1.67 26.58
N LYS B 47 19.34 -0.69 25.82
CA LYS B 47 20.19 0.08 24.93
C LYS B 47 20.77 1.23 25.74
N THR B 48 22.11 1.35 25.74
CA THR B 48 22.75 2.43 26.47
C THR B 48 23.20 3.52 25.52
N CYS B 49 23.60 4.66 26.12
CA CYS B 49 24.05 5.85 25.42
C CYS B 49 25.06 6.60 26.30
N LYS B 50 26.32 6.57 25.86
CA LYS B 50 27.48 7.13 26.59
C LYS B 50 27.48 8.66 26.64
N ASN B 51 27.13 9.31 25.52
CA ASN B 51 27.17 10.77 25.37
C ASN B 51 25.80 11.43 25.59
N CYS B 52 24.92 10.75 26.31
CA CYS B 52 23.57 11.26 26.52
C CYS B 52 23.45 12.32 27.64
N THR B 53 24.57 12.88 28.09
CA THR B 53 24.58 14.00 29.03
C THR B 53 24.31 15.27 28.22
N SER B 54 24.62 15.23 26.89
CA SER B 54 24.35 16.26 25.88
C SER B 54 22.93 15.98 25.30
N ASP B 55 22.02 16.99 25.39
CA ASP B 55 20.63 16.86 24.95
C ASP B 55 20.46 16.61 23.42
N SER B 56 21.44 17.06 22.60
CA SER B 56 21.40 16.80 21.14
C SER B 56 21.52 15.30 20.83
N VAL B 57 22.33 14.59 21.62
CA VAL B 57 22.54 13.14 21.50
C VAL B 57 21.29 12.43 22.01
N ARG B 58 20.86 12.81 23.23
CA ARG B 58 19.69 12.34 23.96
C ARG B 58 18.45 12.33 23.08
N GLU B 59 18.19 13.45 22.40
CA GLU B 59 17.06 13.62 21.47
C GLU B 59 17.14 12.60 20.32
N LYS B 60 18.35 12.44 19.72
CA LYS B 60 18.57 11.48 18.62
C LYS B 60 18.37 10.05 19.10
N PHE B 61 18.97 9.70 20.26
CA PHE B 61 18.87 8.38 20.85
C PHE B 61 17.42 8.01 21.21
N LEU B 62 16.73 8.90 21.94
CA LEU B 62 15.34 8.66 22.37
C LEU B 62 14.31 8.76 21.23
N GLN B 63 14.74 9.14 20.00
CA GLN B 63 13.86 9.20 18.83
C GLN B 63 13.42 7.78 18.43
N GLU B 64 14.31 6.77 18.57
CA GLU B 64 13.96 5.38 18.30
C GLU B 64 12.74 4.97 19.17
N ALA B 65 12.78 5.34 20.48
CA ALA B 65 11.74 5.05 21.45
C ALA B 65 10.44 5.74 21.03
N LEU B 66 10.53 7.02 20.61
CA LEU B 66 9.38 7.80 20.16
C LEU B 66 8.70 7.11 18.99
N THR B 67 9.48 6.66 17.99
CA THR B 67 9.01 5.99 16.78
C THR B 67 8.35 4.65 17.08
N MET B 68 9.03 3.76 17.81
CA MET B 68 8.56 2.41 18.18
C MET B 68 7.30 2.36 19.06
N ARG B 69 7.01 3.44 19.79
CA ARG B 69 5.85 3.54 20.67
C ARG B 69 4.55 3.35 19.85
N GLN B 70 4.58 3.84 18.59
CA GLN B 70 3.48 3.82 17.63
C GLN B 70 3.11 2.40 17.15
N PHE B 71 4.03 1.42 17.25
CA PHE B 71 3.74 0.10 16.68
C PHE B 71 3.49 -1.00 17.69
N ASP B 72 2.68 -1.98 17.28
CA ASP B 72 2.34 -3.19 18.01
C ASP B 72 2.16 -4.29 16.99
N HIS B 73 3.20 -5.09 16.80
CA HIS B 73 3.14 -6.21 15.89
C HIS B 73 4.05 -7.34 16.40
N PRO B 74 3.65 -8.63 16.26
CA PRO B 74 4.51 -9.74 16.69
C PRO B 74 5.91 -9.79 16.07
N HIS B 75 6.12 -9.17 14.87
CA HIS B 75 7.43 -9.27 14.23
C HIS B 75 8.16 -7.95 14.13
N ILE B 76 7.85 -7.07 15.06
CA ILE B 76 8.50 -5.78 15.25
C ILE B 76 8.88 -5.80 16.71
N VAL B 77 10.15 -5.51 17.01
CA VAL B 77 10.68 -5.51 18.39
C VAL B 77 9.88 -4.54 19.27
N LYS B 78 9.34 -5.03 20.40
CA LYS B 78 8.52 -4.21 21.31
C LYS B 78 9.36 -3.28 22.21
N LEU B 79 8.88 -2.03 22.39
CA LEU B 79 9.45 -1.07 23.32
C LEU B 79 8.77 -1.34 24.67
N ILE B 80 9.59 -1.62 25.68
CA ILE B 80 9.10 -1.88 27.01
C ILE B 80 9.05 -0.59 27.80
N GLY B 81 10.09 0.23 27.68
CA GLY B 81 10.14 1.52 28.36
C GLY B 81 11.42 2.31 28.21
N VAL B 82 11.50 3.42 28.94
CA VAL B 82 12.66 4.32 28.95
C VAL B 82 13.04 4.75 30.36
N ILE B 83 14.31 5.14 30.52
CA ILE B 83 14.87 5.72 31.74
C ILE B 83 15.53 7.00 31.23
N THR B 84 14.82 8.11 31.42
CA THR B 84 15.18 9.45 30.96
C THR B 84 16.29 10.10 31.78
N GLU B 85 16.50 9.68 33.04
CA GLU B 85 17.59 10.23 33.86
C GLU B 85 18.93 9.60 33.41
N ASN B 86 20.06 10.27 33.68
CA ASN B 86 21.40 9.80 33.32
C ASN B 86 21.95 8.69 34.25
N PRO B 87 22.46 7.53 33.72
CA PRO B 87 22.55 7.14 32.30
C PRO B 87 21.24 6.77 31.63
N VAL B 88 20.94 7.44 30.50
CA VAL B 88 19.71 7.25 29.73
C VAL B 88 19.70 5.86 29.11
N TRP B 89 18.60 5.11 29.32
CA TRP B 89 18.41 3.75 28.78
C TRP B 89 17.11 3.60 28.02
N ILE B 90 17.11 2.68 27.03
CA ILE B 90 15.92 2.30 26.28
C ILE B 90 15.74 0.80 26.54
N ILE B 91 14.59 0.43 27.08
CA ILE B 91 14.27 -0.96 27.42
C ILE B 91 13.40 -1.57 26.34
N MET B 92 13.87 -2.68 25.79
CA MET B 92 13.19 -3.40 24.72
C MET B 92 13.09 -4.86 24.96
N GLU B 93 12.16 -5.50 24.24
CA GLU B 93 11.93 -6.93 24.23
C GLU B 93 13.24 -7.59 23.75
N LEU B 94 13.68 -8.64 24.46
CA LEU B 94 14.93 -9.32 24.11
C LEU B 94 14.66 -10.40 23.10
N CYS B 95 15.54 -10.47 22.11
CA CYS B 95 15.50 -11.46 21.05
C CYS B 95 16.78 -12.26 21.34
N THR B 96 16.65 -13.31 22.21
CA THR B 96 17.79 -14.08 22.78
C THR B 96 18.82 -14.55 21.79
N LEU B 97 18.39 -14.89 20.55
CA LEU B 97 19.28 -15.46 19.56
C LEU B 97 20.06 -14.41 18.79
N GLY B 98 19.78 -13.15 19.06
CA GLY B 98 20.52 -12.03 18.51
C GLY B 98 20.34 -11.68 17.05
N GLU B 99 21.36 -11.03 16.48
CA GLU B 99 21.44 -10.57 15.08
C GLU B 99 21.14 -11.69 14.10
N LEU B 100 20.31 -11.40 13.07
CA LEU B 100 19.96 -12.40 12.06
C LEU B 100 21.16 -12.85 11.23
N ARG B 101 22.06 -11.91 10.87
CA ARG B 101 23.24 -12.22 10.04
C ARG B 101 24.14 -13.24 10.67
N SER B 102 24.39 -13.08 11.96
CA SER B 102 25.22 -14.01 12.72
C SER B 102 24.54 -15.38 12.81
N PHE B 103 23.25 -15.39 13.13
CA PHE B 103 22.43 -16.58 13.28
C PHE B 103 22.42 -17.40 12.00
N LEU B 104 22.17 -16.73 10.86
CA LEU B 104 22.16 -17.37 9.54
C LEU B 104 23.50 -17.96 9.16
N GLN B 105 24.61 -17.27 9.51
CA GLN B 105 25.98 -17.71 9.22
C GLN B 105 26.31 -18.96 10.00
N VAL B 106 26.21 -18.89 11.34
CA VAL B 106 26.47 -19.97 12.29
C VAL B 106 25.74 -21.25 11.88
N ARG B 107 24.47 -21.11 11.51
CA ARG B 107 23.56 -22.19 11.19
C ARG B 107 23.37 -22.47 9.68
N LYS B 108 24.30 -22.02 8.80
CA LYS B 108 24.31 -22.21 7.34
C LYS B 108 23.98 -23.65 6.89
N TYR B 109 24.38 -24.65 7.70
CA TYR B 109 24.15 -26.07 7.39
C TYR B 109 23.12 -26.73 8.35
N SER B 110 22.52 -25.96 9.25
CA SER B 110 21.52 -26.50 10.17
C SER B 110 20.14 -25.82 10.05
N LEU B 111 19.94 -24.99 9.01
CA LEU B 111 18.67 -24.31 8.73
C LEU B 111 18.19 -24.68 7.32
N ASP B 112 17.02 -25.32 7.25
CA ASP B 112 16.42 -25.70 5.96
C ASP B 112 15.85 -24.48 5.22
N LEU B 113 15.46 -24.70 3.97
CA LEU B 113 14.86 -23.70 3.10
C LEU B 113 13.54 -23.14 3.67
N ALA B 114 12.68 -24.04 4.21
CA ALA B 114 11.41 -23.74 4.84
C ALA B 114 11.56 -22.71 5.94
N SER B 115 12.63 -22.83 6.77
CA SER B 115 12.89 -21.88 7.85
C SER B 115 13.30 -20.53 7.33
N LEU B 116 14.04 -20.51 6.19
CA LEU B 116 14.50 -19.29 5.56
C LEU B 116 13.31 -18.56 4.96
N ILE B 117 12.44 -19.29 4.22
CA ILE B 117 11.23 -18.73 3.60
C ILE B 117 10.28 -18.20 4.69
N LEU B 118 10.23 -18.91 5.85
CA LEU B 118 9.44 -18.51 7.02
C LEU B 118 9.91 -17.16 7.54
N TYR B 119 11.22 -16.93 7.66
CA TYR B 119 11.74 -15.63 8.13
C TYR B 119 11.39 -14.51 7.15
N ALA B 120 11.45 -14.79 5.85
CA ALA B 120 11.09 -13.83 4.81
C ALA B 120 9.60 -13.51 4.95
N TYR B 121 8.75 -14.56 5.14
CA TYR B 121 7.30 -14.40 5.31
C TYR B 121 7.02 -13.50 6.52
N GLN B 122 7.64 -13.82 7.67
CA GLN B 122 7.49 -13.10 8.91
C GLN B 122 7.83 -11.62 8.78
N LEU B 123 8.93 -11.30 8.07
CA LEU B 123 9.37 -9.96 7.79
C LEU B 123 8.35 -9.23 6.94
N SER B 124 7.81 -9.90 5.90
CA SER B 124 6.77 -9.32 5.06
C SER B 124 5.49 -9.00 5.86
N THR B 125 5.21 -9.74 6.96
CA THR B 125 4.02 -9.40 7.75
C THR B 125 4.27 -8.12 8.53
N ALA B 126 5.52 -7.92 9.04
CA ALA B 126 5.84 -6.70 9.80
C ALA B 126 5.80 -5.48 8.86
N LEU B 127 6.32 -5.66 7.65
CA LEU B 127 6.35 -4.63 6.62
C LEU B 127 4.97 -4.35 6.02
N ALA B 128 4.07 -5.35 5.98
CA ALA B 128 2.67 -5.11 5.53
C ALA B 128 1.97 -4.24 6.57
N TYR B 129 2.25 -4.49 7.86
CA TYR B 129 1.73 -3.76 9.01
C TYR B 129 2.21 -2.30 8.94
N LEU B 130 3.53 -2.06 8.72
CA LEU B 130 4.02 -0.69 8.62
C LEU B 130 3.44 0.06 7.39
N GLU B 131 3.24 -0.67 6.27
CA GLU B 131 2.66 -0.10 5.05
C GLU B 131 1.22 0.34 5.35
N SER B 132 0.49 -0.44 6.14
CA SER B 132 -0.88 -0.17 6.58
C SER B 132 -0.96 1.10 7.45
N LYS B 133 0.10 1.40 8.21
CA LYS B 133 0.24 2.60 9.05
C LYS B 133 0.89 3.74 8.23
N ARG B 134 1.16 3.50 6.92
CA ARG B 134 1.81 4.40 5.95
C ARG B 134 3.17 4.85 6.46
N PHE B 135 3.89 3.93 7.08
CA PHE B 135 5.20 4.18 7.64
C PHE B 135 6.26 3.61 6.75
N VAL B 136 7.29 4.44 6.42
CA VAL B 136 8.44 4.08 5.59
C VAL B 136 9.63 3.82 6.51
N HIS B 137 10.20 2.61 6.47
CA HIS B 137 11.32 2.20 7.33
C HIS B 137 12.67 2.82 6.95
N ARG B 138 13.00 2.88 5.65
CA ARG B 138 14.25 3.44 5.08
C ARG B 138 15.51 2.56 5.23
N ASP B 139 15.46 1.48 6.04
CA ASP B 139 16.65 0.63 6.26
C ASP B 139 16.31 -0.86 6.51
N ILE B 140 15.60 -1.47 5.56
CA ILE B 140 15.29 -2.90 5.64
C ILE B 140 16.54 -3.68 5.16
N ALA B 141 17.16 -4.44 6.09
CA ALA B 141 18.39 -5.20 5.87
C ALA B 141 18.47 -6.28 6.94
N ALA B 142 19.17 -7.42 6.67
CA ALA B 142 19.33 -8.54 7.63
C ALA B 142 20.00 -8.09 8.93
N ARG B 143 20.83 -7.03 8.80
CA ARG B 143 21.55 -6.29 9.85
C ARG B 143 20.61 -5.80 10.95
N ASN B 144 19.38 -5.41 10.57
CA ASN B 144 18.36 -4.82 11.44
C ASN B 144 17.26 -5.79 11.85
N VAL B 145 17.51 -7.09 11.68
CA VAL B 145 16.57 -8.14 12.02
C VAL B 145 17.17 -8.93 13.17
N LEU B 146 16.35 -9.21 14.18
CA LEU B 146 16.70 -9.96 15.39
C LEU B 146 15.95 -11.30 15.42
N VAL B 147 16.50 -12.26 16.14
CA VAL B 147 15.93 -13.59 16.23
C VAL B 147 15.45 -13.86 17.67
N SER B 148 14.14 -13.95 17.87
CA SER B 148 13.52 -14.24 19.17
C SER B 148 13.64 -15.73 19.53
N SER B 149 13.31 -16.62 18.55
CA SER B 149 13.41 -18.08 18.58
C SER B 149 13.76 -18.59 17.16
N ASN B 150 14.01 -19.90 16.97
CA ASN B 150 14.30 -20.55 15.67
C ASN B 150 13.21 -20.37 14.63
N ASP B 151 12.01 -20.02 15.06
CA ASP B 151 10.92 -19.83 14.12
C ASP B 151 10.21 -18.51 14.38
N CYS B 152 10.98 -17.50 14.81
CA CYS B 152 10.47 -16.17 15.06
C CYS B 152 11.58 -15.14 14.96
N VAL B 153 11.50 -14.30 13.95
CA VAL B 153 12.38 -13.14 13.74
C VAL B 153 11.57 -11.86 13.93
N LYS B 154 12.25 -10.76 14.23
CA LYS B 154 11.65 -9.46 14.46
C LYS B 154 12.46 -8.34 13.81
N LEU B 155 11.76 -7.31 13.29
CA LEU B 155 12.37 -6.14 12.70
C LEU B 155 12.69 -5.13 13.82
N GLY B 156 13.94 -4.66 13.83
CA GLY B 156 14.41 -3.67 14.80
C GLY B 156 14.94 -2.43 14.12
N ASP B 157 15.76 -1.65 14.84
CA ASP B 157 16.42 -0.43 14.37
C ASP B 157 15.47 0.56 13.67
N PHE B 158 14.67 1.27 14.45
CA PHE B 158 13.75 2.26 13.92
C PHE B 158 14.34 3.69 14.02
N GLY B 159 15.62 3.77 14.39
CA GLY B 159 16.35 5.02 14.57
C GLY B 159 17.30 5.42 13.47
N LEU B 160 17.51 4.51 12.49
CA LEU B 160 18.34 4.71 11.27
C LEU B 160 19.82 5.00 11.54
N SER B 161 20.49 4.00 12.15
CA SER B 161 21.91 4.04 12.53
C SER B 161 22.86 4.14 11.35
N ARG B 162 22.36 3.90 10.14
CA ARG B 162 23.17 3.96 8.91
C ARG B 162 22.99 5.29 8.17
N TYR B 163 22.20 6.23 8.75
CA TYR B 163 21.93 7.56 8.20
C TYR B 163 22.43 8.71 9.13
N MET B 164 23.20 8.35 10.19
CA MET B 164 23.75 9.28 11.16
C MET B 164 25.28 9.31 11.11
N LEU B 177 26.26 4.94 4.98
CA LEU B 177 25.07 4.91 4.10
C LEU B 177 24.92 3.55 3.39
N PRO B 178 23.75 2.86 3.53
CA PRO B 178 23.61 1.51 2.94
C PRO B 178 23.31 1.48 1.45
N ILE B 179 24.28 1.94 0.63
CA ILE B 179 24.15 2.02 -0.83
C ILE B 179 23.76 0.68 -1.46
N LYS B 180 24.33 -0.40 -0.94
CA LYS B 180 24.15 -1.75 -1.47
C LYS B 180 22.75 -2.36 -1.20
N TRP B 181 21.92 -1.72 -0.36
CA TRP B 181 20.52 -2.11 -0.05
C TRP B 181 19.50 -1.13 -0.65
N MET B 182 19.97 0.06 -1.02
CA MET B 182 19.10 1.14 -1.47
C MET B 182 18.54 1.00 -2.88
N ALA B 183 17.28 1.44 -3.05
CA ALA B 183 16.59 1.49 -4.35
C ALA B 183 17.30 2.59 -5.15
N PRO B 184 17.45 2.49 -6.50
CA PRO B 184 18.14 3.56 -7.24
C PRO B 184 17.69 4.99 -6.99
N GLU B 185 16.36 5.20 -6.76
CA GLU B 185 15.81 6.53 -6.51
C GLU B 185 16.24 7.09 -5.16
N SER B 186 16.48 6.21 -4.18
CA SER B 186 16.99 6.62 -2.87
C SER B 186 18.44 7.05 -3.02
N ILE B 187 19.23 6.34 -3.86
CA ILE B 187 20.64 6.64 -4.11
C ILE B 187 20.76 7.96 -4.86
N ASN B 188 20.10 8.05 -6.03
CA ASN B 188 20.15 9.19 -6.92
C ASN B 188 19.50 10.47 -6.41
N PHE B 189 18.37 10.35 -5.67
CA PHE B 189 17.61 11.52 -5.28
C PHE B 189 17.21 11.60 -3.82
N ARG B 190 17.68 10.63 -3.00
CA ARG B 190 17.32 10.53 -1.59
C ARG B 190 15.78 10.40 -1.37
N ARG B 191 15.05 9.82 -2.35
CA ARG B 191 13.60 9.56 -2.26
C ARG B 191 13.37 8.24 -1.53
N PHE B 192 12.58 8.25 -0.46
CA PHE B 192 12.24 7.06 0.35
C PHE B 192 10.71 6.91 0.40
N THR B 193 10.21 5.82 -0.14
CA THR B 193 8.77 5.51 -0.23
C THR B 193 8.51 4.09 0.18
N SER B 194 7.23 3.66 0.16
CA SER B 194 6.87 2.26 0.38
C SER B 194 7.56 1.39 -0.71
N ALA B 195 7.71 1.93 -1.95
CA ALA B 195 8.33 1.23 -3.07
C ALA B 195 9.80 0.97 -2.84
N SER B 196 10.50 1.93 -2.22
CA SER B 196 11.92 1.80 -1.91
C SER B 196 12.12 0.80 -0.78
N ASP B 197 11.14 0.70 0.15
CA ASP B 197 11.16 -0.31 1.23
C ASP B 197 11.04 -1.72 0.62
N VAL B 198 10.21 -1.90 -0.42
CA VAL B 198 10.05 -3.17 -1.14
C VAL B 198 11.38 -3.61 -1.80
N TRP B 199 12.11 -2.64 -2.42
CA TRP B 199 13.41 -2.92 -3.01
C TRP B 199 14.33 -3.47 -1.92
N MET B 200 14.43 -2.78 -0.77
CA MET B 200 15.29 -3.17 0.33
C MET B 200 14.92 -4.54 0.87
N PHE B 201 13.61 -4.86 0.95
CA PHE B 201 13.16 -6.17 1.41
C PHE B 201 13.64 -7.27 0.47
N GLY B 202 13.61 -7.01 -0.84
CA GLY B 202 14.14 -7.94 -1.82
C GLY B 202 15.58 -8.29 -1.54
N VAL B 203 16.40 -7.26 -1.19
CA VAL B 203 17.82 -7.39 -0.84
C VAL B 203 17.93 -8.20 0.45
N CYS B 204 17.09 -7.89 1.43
CA CYS B 204 17.04 -8.59 2.71
C CYS B 204 16.71 -10.07 2.52
N MET B 205 15.74 -10.38 1.64
CA MET B 205 15.35 -11.76 1.26
C MET B 205 16.54 -12.47 0.64
N TRP B 206 17.32 -11.78 -0.21
CA TRP B 206 18.53 -12.32 -0.84
C TRP B 206 19.57 -12.66 0.26
N GLU B 207 19.81 -11.74 1.23
CA GLU B 207 20.73 -11.93 2.38
C GLU B 207 20.34 -13.18 3.18
N ILE B 208 19.04 -13.44 3.38
CA ILE B 208 18.53 -14.62 4.09
C ILE B 208 18.86 -15.93 3.32
N LEU B 209 18.63 -15.96 2.01
CA LEU B 209 18.90 -17.15 1.23
C LEU B 209 20.38 -17.39 0.94
N MET B 210 21.17 -16.32 1.12
CA MET B 210 22.61 -16.35 0.98
C MET B 210 23.29 -16.57 2.32
N HIS B 211 22.51 -16.97 3.36
CA HIS B 211 22.97 -17.28 4.71
C HIS B 211 23.81 -16.16 5.37
N GLY B 212 23.26 -14.94 5.34
CA GLY B 212 23.89 -13.77 5.97
C GLY B 212 25.09 -13.17 5.24
N VAL B 213 25.25 -13.48 3.93
CA VAL B 213 26.32 -12.89 3.14
C VAL B 213 25.85 -11.48 2.73
N LYS B 214 26.75 -10.48 2.81
CA LYS B 214 26.42 -9.09 2.44
C LYS B 214 26.31 -8.94 0.94
N PRO B 215 25.34 -8.10 0.46
CA PRO B 215 25.18 -7.89 -1.00
C PRO B 215 26.32 -7.07 -1.57
N PHE B 216 26.71 -7.34 -2.84
CA PHE B 216 27.76 -6.65 -3.59
C PHE B 216 29.10 -6.63 -2.88
N GLN B 217 29.45 -7.77 -2.25
CA GLN B 217 30.69 -7.90 -1.55
C GLN B 217 31.83 -7.78 -2.56
N GLY B 218 32.73 -6.82 -2.31
CA GLY B 218 33.88 -6.52 -3.16
C GLY B 218 33.70 -5.34 -4.09
N VAL B 219 32.45 -4.84 -4.26
CA VAL B 219 32.10 -3.72 -5.12
C VAL B 219 32.17 -2.43 -4.30
N LYS B 220 32.70 -1.35 -4.90
CA LYS B 220 32.76 -0.06 -4.25
C LYS B 220 31.36 0.58 -4.31
N ASN B 221 30.95 1.24 -3.22
CA ASN B 221 29.65 1.91 -3.12
C ASN B 221 29.31 2.82 -4.31
N ASN B 222 30.29 3.59 -4.79
CA ASN B 222 30.18 4.54 -5.91
C ASN B 222 29.81 3.89 -7.25
N ASP B 223 30.21 2.59 -7.42
CA ASP B 223 29.97 1.81 -8.64
C ASP B 223 28.64 1.01 -8.64
N VAL B 224 27.92 0.95 -7.49
CA VAL B 224 26.66 0.20 -7.35
C VAL B 224 25.56 0.77 -8.26
N ILE B 225 25.34 2.09 -8.21
CA ILE B 225 24.32 2.76 -8.99
C ILE B 225 24.48 2.49 -10.51
N GLY B 226 25.71 2.52 -11.01
CA GLY B 226 26.01 2.26 -12.40
C GLY B 226 25.63 0.85 -12.81
N ARG B 227 25.87 -0.12 -11.92
CA ARG B 227 25.53 -1.52 -12.15
C ARG B 227 24.02 -1.69 -12.19
N ILE B 228 23.32 -1.11 -11.19
CA ILE B 228 21.85 -1.12 -11.08
C ILE B 228 21.20 -0.53 -12.34
N GLU B 229 21.74 0.59 -12.81
CA GLU B 229 21.22 1.26 -13.99
C GLU B 229 21.50 0.53 -15.30
N ASN B 230 22.45 -0.42 -15.31
CA ASN B 230 22.74 -1.22 -16.50
C ASN B 230 21.92 -2.52 -16.50
N GLY B 231 20.95 -2.58 -15.58
CA GLY B 231 20.05 -3.71 -15.41
C GLY B 231 20.59 -4.83 -14.58
N GLU B 232 21.80 -4.66 -14.02
CA GLU B 232 22.46 -5.68 -13.21
C GLU B 232 21.79 -5.82 -11.84
N ARG B 233 21.60 -7.08 -11.44
CA ARG B 233 20.94 -7.44 -10.18
C ARG B 233 21.73 -8.48 -9.41
N LEU B 234 21.39 -8.65 -8.11
CA LEU B 234 22.00 -9.68 -7.28
C LEU B 234 21.65 -11.07 -7.89
N PRO B 235 22.64 -11.98 -8.04
CA PRO B 235 22.37 -13.26 -8.68
C PRO B 235 21.45 -14.19 -7.87
N MET B 236 20.93 -15.25 -8.53
CA MET B 236 20.09 -16.25 -7.84
C MET B 236 20.94 -16.96 -6.79
N PRO B 237 20.59 -16.87 -5.50
CA PRO B 237 21.35 -17.60 -4.46
C PRO B 237 21.34 -19.12 -4.72
N PRO B 238 22.42 -19.86 -4.42
CA PRO B 238 22.39 -21.31 -4.63
C PRO B 238 21.31 -21.94 -3.75
N ASN B 239 20.61 -22.95 -4.32
CA ASN B 239 19.52 -23.70 -3.67
C ASN B 239 18.25 -22.85 -3.40
N CYS B 240 18.15 -21.64 -3.98
CA CYS B 240 16.98 -20.78 -3.84
C CYS B 240 15.95 -21.22 -4.86
N PRO B 241 14.66 -21.39 -4.48
CA PRO B 241 13.65 -21.75 -5.49
C PRO B 241 13.55 -20.67 -6.56
N PRO B 242 13.54 -21.01 -7.88
CA PRO B 242 13.42 -19.96 -8.92
C PRO B 242 12.16 -19.09 -8.80
N THR B 243 11.10 -19.60 -8.17
CA THR B 243 9.86 -18.87 -7.90
C THR B 243 10.12 -17.73 -6.89
N LEU B 244 10.96 -18.02 -5.89
CA LEU B 244 11.35 -17.06 -4.84
C LEU B 244 12.26 -15.98 -5.42
N TYR B 245 13.17 -16.39 -6.35
CA TYR B 245 14.04 -15.45 -7.04
C TYR B 245 13.23 -14.53 -7.98
N SER B 246 12.21 -15.08 -8.61
CA SER B 246 11.31 -14.32 -9.50
C SER B 246 10.62 -13.21 -8.70
N LEU B 247 10.27 -13.52 -7.43
CA LEU B 247 9.65 -12.58 -6.50
C LEU B 247 10.64 -11.44 -6.12
N MET B 248 11.93 -11.78 -5.91
CA MET B 248 12.97 -10.82 -5.60
C MET B 248 13.18 -9.87 -6.79
N THR B 249 13.25 -10.40 -8.04
CA THR B 249 13.48 -9.56 -9.22
C THR B 249 12.33 -8.60 -9.43
N LYS B 250 11.11 -8.98 -8.99
CA LYS B 250 9.93 -8.13 -9.03
C LYS B 250 10.13 -6.92 -8.09
N CYS B 251 10.72 -7.15 -6.89
CA CYS B 251 11.06 -6.10 -5.91
C CYS B 251 12.12 -5.13 -6.49
N TRP B 252 12.91 -5.59 -7.49
CA TRP B 252 14.01 -4.84 -8.08
C TRP B 252 13.70 -4.23 -9.45
N ALA B 253 12.42 -3.92 -9.67
CA ALA B 253 11.97 -3.19 -10.85
C ALA B 253 12.57 -1.79 -10.73
N TYR B 254 13.25 -1.29 -11.77
CA TYR B 254 13.82 0.05 -11.72
C TYR B 254 12.74 1.09 -11.41
N ASP B 255 11.59 0.99 -12.11
CA ASP B 255 10.44 1.88 -11.93
C ASP B 255 9.78 1.51 -10.60
N PRO B 256 9.73 2.42 -9.62
CA PRO B 256 9.11 2.09 -8.33
C PRO B 256 7.64 1.68 -8.44
N SER B 257 6.90 2.24 -9.40
CA SER B 257 5.48 1.90 -9.60
C SER B 257 5.24 0.47 -10.13
N ARG B 258 6.30 -0.18 -10.57
CA ARG B 258 6.21 -1.55 -11.06
C ARG B 258 6.49 -2.56 -9.96
N ARG B 259 6.99 -2.10 -8.80
CA ARG B 259 7.26 -3.01 -7.68
C ARG B 259 5.97 -3.45 -6.95
N PRO B 260 5.83 -4.72 -6.51
CA PRO B 260 4.63 -5.10 -5.77
C PRO B 260 4.55 -4.44 -4.39
N ARG B 261 3.40 -4.57 -3.74
CA ARG B 261 3.21 -4.07 -2.38
C ARG B 261 3.35 -5.27 -1.41
N PHE B 262 3.63 -5.01 -0.12
CA PHE B 262 3.81 -6.07 0.88
C PHE B 262 2.58 -7.01 1.10
N THR B 263 1.38 -6.63 0.62
CA THR B 263 0.23 -7.51 0.76
C THR B 263 0.42 -8.71 -0.15
N GLU B 264 0.79 -8.45 -1.42
CA GLU B 264 1.06 -9.43 -2.47
C GLU B 264 2.25 -10.26 -2.06
N LEU B 265 3.36 -9.60 -1.61
CA LEU B 265 4.58 -10.28 -1.17
C LEU B 265 4.27 -11.29 -0.06
N LYS B 266 3.55 -10.84 0.98
CA LYS B 266 3.08 -11.67 2.11
C LYS B 266 2.34 -12.91 1.57
N ALA B 267 1.37 -12.69 0.68
CA ALA B 267 0.55 -13.74 0.05
C ALA B 267 1.35 -14.72 -0.81
N GLN B 268 2.31 -14.24 -1.63
CA GLN B 268 3.13 -15.09 -2.49
C GLN B 268 4.14 -15.93 -1.72
N LEU B 269 4.78 -15.36 -0.70
CA LEU B 269 5.74 -16.04 0.13
C LEU B 269 5.00 -17.13 0.86
N SER B 270 3.80 -16.80 1.41
CA SER B 270 2.89 -17.73 2.08
C SER B 270 2.71 -19.01 1.21
N THR B 271 2.42 -18.85 -0.10
CA THR B 271 2.24 -19.99 -1.00
C THR B 271 3.58 -20.70 -1.30
N ILE B 272 4.70 -19.91 -1.41
CA ILE B 272 6.06 -20.45 -1.64
C ILE B 272 6.45 -21.38 -0.48
N LEU B 273 6.10 -20.98 0.77
CA LEU B 273 6.38 -21.70 2.00
C LEU B 273 5.66 -23.08 2.02
N GLU B 274 4.48 -23.17 1.41
CA GLU B 274 3.70 -24.41 1.30
C GLU B 274 4.29 -25.28 0.19
N GLU B 275 4.80 -24.64 -0.85
CA GLU B 275 5.44 -25.28 -2.00
C GLU B 275 6.83 -25.89 -1.66
N GLU B 276 7.58 -25.30 -0.70
CA GLU B 276 8.94 -25.76 -0.39
C GLU B 276 9.03 -26.51 0.93
N LYS B 277 8.34 -27.67 0.97
CA LYS B 277 8.19 -28.69 2.02
C LYS B 277 6.94 -29.54 1.68
#